data_2X5N
#
_entry.id   2X5N
#
_cell.length_a   79.990
_cell.length_b   35.230
_cell.length_c   60.140
_cell.angle_alpha   90.00
_cell.angle_beta   111.20
_cell.angle_gamma   90.00
#
_symmetry.space_group_name_H-M   'C 1 2 1'
#
loop_
_entity.id
_entity.type
_entity.pdbx_description
1 polymer '26S PROTEASOME REGULATORY SUBUNIT RPN10'
2 non-polymer 'SULFATE ION'
3 water water
#
_entity_poly.entity_id   1
_entity_poly.type   'polypeptide(L)'
_entity_poly.pdbx_seq_one_letter_code
;VLEATMILIDNSEWMINGDYIPTRFEAQKDTVHMIFNQKINDNPENMCGLMTIGDNSPQVLSTLTRDYGKFLSAMHDLPV
RGNAKFGDGIQIAQLALKHRENKIQRQRIVAFVGSPIVEDEKNLIRLAKRMKKNNVAIDIIHIGELQNESALQHFIDAAN
SSDSCHLVSIPPSPQLLSDLVNQSPIGQGVVA
;
_entity_poly.pdbx_strand_id   A
#
# COMPACT_ATOMS: atom_id res chain seq x y z
N VAL A 1 -15.61 -6.95 5.77
CA VAL A 1 -15.84 -5.76 4.96
C VAL A 1 -15.80 -6.05 3.45
N LEU A 2 -16.77 -5.52 2.71
CA LEU A 2 -16.78 -5.58 1.27
C LEU A 2 -16.10 -4.33 0.72
N GLU A 3 -14.90 -4.53 0.18
CA GLU A 3 -14.06 -3.43 -0.28
C GLU A 3 -13.16 -3.84 -1.44
N ALA A 4 -12.84 -2.84 -2.26
CA ALA A 4 -11.84 -2.91 -3.32
C ALA A 4 -10.61 -2.21 -2.80
N THR A 5 -9.45 -2.83 -2.96
CA THR A 5 -8.22 -2.30 -2.39
C THR A 5 -7.17 -2.17 -3.47
N MET A 6 -6.64 -0.96 -3.63
CA MET A 6 -5.46 -0.77 -4.46
C MET A 6 -4.23 -0.84 -3.57
N ILE A 7 -3.34 -1.77 -3.90
CA ILE A 7 -2.08 -1.96 -3.19
C ILE A 7 -0.97 -1.28 -4.00
N LEU A 8 -0.30 -0.33 -3.36
CA LEU A 8 0.70 0.51 -3.99
C LEU A 8 2.07 0.14 -3.45
N ILE A 9 2.93 -0.35 -4.33
CA ILE A 9 4.28 -0.74 -3.95
C ILE A 9 5.27 0.35 -4.33
N ASP A 10 6.25 0.52 -3.47
CA ASP A 10 7.35 1.43 -3.72
C ASP A 10 8.45 0.65 -4.46
N ASN A 11 8.65 1.01 -5.73
CA ASN A 11 9.75 0.44 -6.52
C ASN A 11 10.77 1.51 -6.88
N SER A 12 10.99 2.46 -5.95
CA SER A 12 12.04 3.47 -6.12
C SER A 12 13.42 2.91 -5.80
N GLU A 13 14.46 3.68 -6.13
CA GLU A 13 15.84 3.29 -5.86
C GLU A 13 16.10 3.11 -4.35
N TRP A 14 15.27 3.74 -3.51
CA TRP A 14 15.43 3.62 -2.06
C TRP A 14 15.16 2.20 -1.57
N MET A 15 14.47 1.41 -2.38
CA MET A 15 14.03 0.09 -2.00
C MET A 15 15.11 -0.98 -2.26
N ILE A 16 16.27 -0.64 -2.82
N ILE A 16 16.19 -0.56 -2.92
CA ILE A 16 17.27 -1.68 -3.13
CA ILE A 16 17.38 -1.37 -3.12
C ILE A 16 18.06 -2.18 -1.89
C ILE A 16 18.27 -1.11 -1.91
N ASN A 17 17.79 -1.55 -0.77
CA ASN A 17 18.58 -1.52 0.42
C ASN A 17 18.39 -2.81 1.19
N GLY A 18 19.48 -3.38 1.71
CA GLY A 18 19.42 -4.63 2.47
C GLY A 18 19.15 -4.48 3.97
N ASP A 19 18.74 -3.31 4.40
CA ASP A 19 18.38 -3.13 5.81
C ASP A 19 17.07 -3.81 6.22
N TYR A 20 16.29 -4.28 5.24
CA TYR A 20 15.20 -5.22 5.49
C TYR A 20 15.52 -6.47 4.68
N ILE A 21 15.26 -7.64 5.26
CA ILE A 21 15.68 -8.90 4.65
C ILE A 21 14.70 -9.33 3.58
N PRO A 22 15.19 -9.63 2.37
CA PRO A 22 16.58 -9.50 1.90
C PRO A 22 16.89 -8.13 1.30
N THR A 23 15.86 -7.44 0.80
CA THR A 23 15.92 -6.02 0.46
C THR A 23 14.59 -5.42 0.88
N ARG A 24 14.52 -4.11 0.97
CA ARG A 24 13.25 -3.43 1.19
C ARG A 24 12.24 -3.84 0.15
N PHE A 25 12.63 -3.84 -1.12
CA PHE A 25 11.69 -4.17 -2.16
C PHE A 25 11.11 -5.57 -1.99
N GLU A 26 11.98 -6.54 -1.73
N GLU A 26 11.97 -6.57 -1.78
CA GLU A 26 11.56 -7.93 -1.66
CA GLU A 26 11.47 -7.93 -1.69
C GLU A 26 10.78 -8.23 -0.38
C GLU A 26 10.69 -8.15 -0.41
N ALA A 27 11.13 -7.53 0.67
CA ALA A 27 10.40 -7.54 1.92
C ALA A 27 8.95 -7.13 1.77
N GLN A 28 8.82 -6.05 1.02
CA GLN A 28 7.53 -5.49 0.68
C GLN A 28 6.76 -6.51 -0.16
N LYS A 29 7.41 -7.08 -1.16
N LYS A 29 7.42 -7.11 -1.13
CA LYS A 29 6.73 -8.02 -2.07
CA LYS A 29 6.73 -8.02 -2.05
C LYS A 29 6.05 -9.20 -1.35
C LYS A 29 6.01 -9.12 -1.27
N ASP A 30 6.72 -9.75 -0.33
CA ASP A 30 6.11 -10.80 0.48
C ASP A 30 4.92 -10.28 1.31
N THR A 31 5.01 -9.05 1.79
CA THR A 31 3.94 -8.40 2.56
C THR A 31 2.68 -8.15 1.69
N VAL A 32 2.88 -7.84 0.41
CA VAL A 32 1.77 -7.65 -0.51
C VAL A 32 0.88 -8.91 -0.56
N HIS A 33 1.51 -10.08 -0.59
CA HIS A 33 0.74 -11.31 -0.70
C HIS A 33 -0.13 -11.47 0.54
N MET A 34 0.42 -11.13 1.70
CA MET A 34 -0.34 -11.21 2.94
C MET A 34 -1.55 -10.29 2.96
N ILE A 35 -1.36 -9.04 2.54
CA ILE A 35 -2.45 -8.06 2.47
C ILE A 35 -3.53 -8.55 1.50
N PHE A 36 -3.10 -8.96 0.32
CA PHE A 36 -3.96 -9.58 -0.69
C PHE A 36 -4.87 -10.65 -0.15
N ASN A 37 -4.24 -11.59 0.53
CA ASN A 37 -4.96 -12.70 1.11
C ASN A 37 -5.89 -12.26 2.22
N GLN A 38 -5.50 -11.28 3.01
CA GLN A 38 -6.41 -10.73 4.02
C GLN A 38 -7.70 -10.25 3.33
N LYS A 39 -7.57 -9.46 2.26
CA LYS A 39 -8.73 -8.93 1.56
C LYS A 39 -9.56 -10.05 0.93
N ILE A 40 -8.92 -11.00 0.25
CA ILE A 40 -9.63 -12.03 -0.48
C ILE A 40 -10.36 -12.93 0.51
N ASN A 41 -9.79 -13.11 1.68
CA ASN A 41 -10.41 -13.95 2.69
C ASN A 41 -11.49 -13.24 3.52
N ASP A 42 -11.59 -11.91 3.42
CA ASP A 42 -12.56 -11.14 4.22
C ASP A 42 -13.97 -11.22 3.67
N ASN A 43 -14.09 -11.32 2.36
CA ASN A 43 -15.38 -11.32 1.69
C ASN A 43 -15.15 -11.93 0.32
N PRO A 44 -16.02 -12.84 -0.12
CA PRO A 44 -15.91 -13.46 -1.44
C PRO A 44 -15.86 -12.62 -2.69
N GLU A 45 -16.35 -11.40 -2.50
CA GLU A 45 -16.42 -10.42 -3.58
C GLU A 45 -15.33 -9.35 -3.52
N ASN A 46 -14.46 -9.39 -2.52
CA ASN A 46 -13.40 -8.39 -2.45
C ASN A 46 -12.41 -8.58 -3.59
N MET A 47 -11.87 -7.47 -4.07
N MET A 47 -11.87 -7.48 -4.07
CA MET A 47 -10.91 -7.46 -5.15
CA MET A 47 -10.89 -7.51 -5.13
C MET A 47 -9.76 -6.57 -4.76
C MET A 47 -9.78 -6.50 -4.87
N CYS A 48 -8.59 -6.86 -5.30
CA CYS A 48 -7.38 -6.06 -5.14
C CYS A 48 -6.73 -5.71 -6.46
N GLY A 49 -6.16 -4.53 -6.56
CA GLY A 49 -5.37 -4.16 -7.71
C GLY A 49 -3.98 -3.77 -7.23
N LEU A 50 -3.07 -3.59 -8.18
CA LEU A 50 -1.67 -3.39 -7.90
C LEU A 50 -1.15 -2.20 -8.70
N MET A 51 -0.48 -1.30 -8.01
CA MET A 51 0.18 -0.16 -8.62
C MET A 51 1.57 -0.02 -8.05
N THR A 52 2.44 0.61 -8.84
CA THR A 52 3.70 1.12 -8.32
C THR A 52 3.60 2.62 -8.02
N ILE A 53 4.53 3.12 -7.20
CA ILE A 53 4.67 4.56 -7.01
C ILE A 53 6.07 5.05 -7.32
N GLY A 54 6.95 4.16 -7.75
CA GLY A 54 8.33 4.52 -8.02
C GLY A 54 8.69 4.46 -9.48
N ASP A 55 9.98 4.31 -9.72
CA ASP A 55 10.44 4.42 -11.10
C ASP A 55 9.97 5.66 -11.83
N ASN A 56 9.86 6.76 -11.08
CA ASN A 56 9.51 8.02 -11.71
C ASN A 56 8.08 8.35 -12.06
N SER A 57 7.23 7.33 -12.00
CA SER A 57 5.89 7.47 -12.53
C SER A 57 5.06 6.29 -12.08
N PRO A 58 4.04 6.54 -11.26
CA PRO A 58 3.13 5.47 -10.89
C PRO A 58 2.47 4.69 -11.99
N GLN A 59 2.42 3.37 -11.91
CA GLN A 59 1.84 2.57 -12.98
C GLN A 59 0.81 1.62 -12.41
N VAL A 60 -0.32 1.43 -13.10
CA VAL A 60 -1.23 0.37 -12.73
C VAL A 60 -0.70 -0.94 -13.33
N LEU A 61 -0.33 -1.88 -12.47
CA LEU A 61 0.18 -3.19 -12.89
C LEU A 61 -0.89 -4.23 -13.06
N SER A 62 -1.88 -4.20 -12.18
CA SER A 62 -3.00 -5.13 -12.28
C SER A 62 -4.26 -4.40 -11.91
N THR A 63 -5.28 -4.56 -12.73
CA THR A 63 -6.59 -4.10 -12.35
C THR A 63 -7.16 -5.02 -11.26
N LEU A 64 -8.32 -4.66 -10.73
CA LEU A 64 -8.91 -5.35 -9.59
C LEU A 64 -9.16 -6.81 -9.93
N THR A 65 -8.73 -7.67 -9.02
CA THR A 65 -8.77 -9.12 -9.26
C THR A 65 -8.77 -9.89 -7.94
N ARG A 66 -9.07 -11.19 -8.03
CA ARG A 66 -8.84 -12.14 -6.93
C ARG A 66 -7.73 -13.14 -7.26
N ASP A 67 -7.12 -12.98 -8.42
CA ASP A 67 -6.08 -13.88 -8.91
C ASP A 67 -4.68 -13.30 -8.59
N TYR A 68 -4.05 -13.79 -7.53
CA TYR A 68 -2.74 -13.26 -7.16
C TYR A 68 -1.68 -13.52 -8.23
N GLY A 69 -1.90 -14.51 -9.07
CA GLY A 69 -0.97 -14.74 -10.17
C GLY A 69 -0.85 -13.53 -11.09
N LYS A 70 -1.91 -12.74 -11.20
CA LYS A 70 -1.82 -11.54 -12.01
C LYS A 70 -0.85 -10.53 -11.39
N PHE A 71 -0.82 -10.44 -10.05
CA PHE A 71 0.14 -9.56 -9.40
C PHE A 71 1.55 -10.05 -9.67
N LEU A 72 1.79 -11.36 -9.49
CA LEU A 72 3.13 -11.91 -9.64
C LEU A 72 3.61 -11.75 -11.09
N SER A 73 2.76 -12.04 -12.05
CA SER A 73 3.16 -11.87 -13.45
C SER A 73 3.48 -10.42 -13.77
N ALA A 74 2.71 -9.47 -13.21
CA ALA A 74 2.92 -8.06 -13.52
C ALA A 74 4.18 -7.52 -12.87
N MET A 75 4.57 -8.08 -11.73
CA MET A 75 5.79 -7.64 -11.05
C MET A 75 7.05 -8.27 -11.65
N HIS A 76 6.91 -9.32 -12.43
CA HIS A 76 8.07 -9.95 -13.00
C HIS A 76 8.75 -8.99 -13.94
N ASP A 77 10.06 -8.86 -13.81
CA ASP A 77 10.77 -7.89 -14.63
C ASP A 77 10.64 -6.41 -14.32
N LEU A 78 9.96 -6.09 -13.21
CA LEU A 78 9.63 -4.71 -12.88
C LEU A 78 10.90 -3.97 -12.51
N PRO A 79 11.16 -2.82 -13.14
CA PRO A 79 12.23 -1.99 -12.61
C PRO A 79 12.13 -1.52 -11.18
N VAL A 80 13.22 -1.50 -10.43
CA VAL A 80 13.25 -0.95 -9.09
C VAL A 80 14.39 0.07 -9.13
N ARG A 81 14.01 1.35 -9.19
CA ARG A 81 14.93 2.44 -9.51
C ARG A 81 14.17 3.75 -9.49
N GLY A 82 14.89 4.86 -9.63
CA GLY A 82 14.22 6.14 -9.78
C GLY A 82 13.50 6.66 -8.54
N ASN A 83 12.70 7.71 -8.75
CA ASN A 83 12.03 8.42 -7.67
C ASN A 83 10.65 7.89 -7.37
N ALA A 84 10.24 8.04 -6.12
CA ALA A 84 8.88 7.73 -5.71
C ALA A 84 8.02 8.98 -5.81
N LYS A 85 6.78 8.77 -6.23
CA LYS A 85 5.80 9.84 -6.40
C LYS A 85 4.56 9.49 -5.61
N PHE A 86 4.63 9.69 -4.30
CA PHE A 86 3.58 9.26 -3.39
C PHE A 86 2.22 9.89 -3.70
N GLY A 87 2.16 11.22 -3.78
CA GLY A 87 0.89 11.88 -4.01
C GLY A 87 0.28 11.55 -5.36
N ASP A 88 1.09 11.54 -6.41
CA ASP A 88 0.59 11.10 -7.72
C ASP A 88 0.03 9.70 -7.61
N GLY A 89 0.70 8.81 -6.87
CA GLY A 89 0.24 7.44 -6.73
C GLY A 89 -1.11 7.34 -6.06
N ILE A 90 -1.26 8.05 -4.94
N ILE A 90 -1.33 8.03 -4.94
CA ILE A 90 -2.50 8.12 -4.17
CA ILE A 90 -2.60 7.88 -4.28
C ILE A 90 -3.66 8.56 -5.07
C ILE A 90 -3.73 8.60 -5.03
N GLN A 91 -3.39 9.57 -5.88
CA GLN A 91 -4.40 10.15 -6.78
C GLN A 91 -4.79 9.19 -7.90
N ILE A 92 -3.79 8.60 -8.56
CA ILE A 92 -4.06 7.64 -9.62
C ILE A 92 -4.83 6.44 -9.07
N ALA A 93 -4.49 6.02 -7.84
CA ALA A 93 -5.21 4.92 -7.21
C ALA A 93 -6.67 5.25 -7.03
N GLN A 94 -6.98 6.48 -6.64
CA GLN A 94 -8.39 6.88 -6.53
C GLN A 94 -9.10 6.85 -7.88
N LEU A 95 -8.43 7.29 -8.93
CA LEU A 95 -8.98 7.19 -10.28
C LEU A 95 -9.25 5.71 -10.63
N ALA A 96 -8.30 4.83 -10.34
CA ALA A 96 -8.45 3.41 -10.63
C ALA A 96 -9.66 2.84 -9.86
N LEU A 97 -9.82 3.24 -8.60
CA LEU A 97 -10.89 2.71 -7.78
C LEU A 97 -12.27 3.11 -8.31
N LYS A 98 -12.34 4.21 -9.04
CA LYS A 98 -13.61 4.60 -9.68
C LYS A 98 -14.04 3.66 -10.78
N HIS A 99 -13.09 2.90 -11.32
CA HIS A 99 -13.40 1.98 -12.39
C HIS A 99 -13.79 0.62 -11.84
N ARG A 100 -13.87 0.45 -10.51
CA ARG A 100 -14.26 -0.85 -9.97
C ARG A 100 -15.64 -1.22 -10.51
N GLU A 101 -15.80 -2.47 -10.90
N GLU A 101 -15.80 -2.45 -10.93
CA GLU A 101 -17.04 -2.93 -11.53
CA GLU A 101 -17.06 -2.86 -11.52
C GLU A 101 -18.19 -3.11 -10.54
C GLU A 101 -18.15 -2.89 -10.46
N ASN A 102 -17.86 -3.51 -9.31
CA ASN A 102 -18.84 -3.62 -8.23
C ASN A 102 -18.74 -2.41 -7.32
N LYS A 103 -19.60 -1.43 -7.57
CA LYS A 103 -19.49 -0.17 -6.86
C LYS A 103 -20.05 -0.20 -5.44
N ILE A 104 -20.63 -1.33 -5.03
CA ILE A 104 -20.99 -1.50 -3.63
C ILE A 104 -19.73 -1.61 -2.78
N GLN A 105 -18.64 -2.07 -3.37
CA GLN A 105 -17.38 -2.12 -2.64
C GLN A 105 -16.96 -0.76 -2.12
N ARG A 106 -16.59 -0.73 -0.84
CA ARG A 106 -15.89 0.40 -0.26
C ARG A 106 -14.53 0.55 -0.94
N GLN A 107 -13.90 1.70 -0.76
CA GLN A 107 -12.64 1.99 -1.42
C GLN A 107 -11.50 2.12 -0.42
N ARG A 108 -10.41 1.40 -0.71
CA ARG A 108 -9.25 1.43 0.17
C ARG A 108 -7.96 1.43 -0.64
N ILE A 109 -6.97 2.13 -0.10
CA ILE A 109 -5.59 2.10 -0.59
C ILE A 109 -4.70 1.55 0.51
N VAL A 110 -3.82 0.60 0.16
CA VAL A 110 -2.73 0.18 1.08
C VAL A 110 -1.41 0.52 0.37
N ALA A 111 -0.65 1.45 0.93
CA ALA A 111 0.54 1.95 0.28
C ALA A 111 1.78 1.71 1.12
N PHE A 112 2.85 1.27 0.47
CA PHE A 112 4.16 1.17 1.07
C PHE A 112 4.97 2.43 0.78
N VAL A 113 5.64 2.94 1.81
CA VAL A 113 6.54 4.07 1.64
C VAL A 113 7.89 3.69 2.27
N GLY A 114 8.90 3.59 1.40
CA GLY A 114 10.27 3.32 1.82
C GLY A 114 11.23 4.36 1.29
N SER A 115 10.68 5.53 0.98
N SER A 115 10.67 5.50 0.90
CA SER A 115 11.41 6.60 0.33
CA SER A 115 11.41 6.59 0.29
C SER A 115 10.89 7.94 0.85
C SER A 115 10.91 7.91 0.89
N PRO A 116 11.71 8.99 0.77
CA PRO A 116 11.21 10.32 1.10
C PRO A 116 9.95 10.75 0.38
N ILE A 117 8.97 11.31 1.06
CA ILE A 117 7.77 11.73 0.35
C ILE A 117 8.02 13.04 -0.39
N VAL A 118 7.65 13.11 -1.66
CA VAL A 118 7.98 14.28 -2.45
C VAL A 118 7.10 15.48 -2.03
N GLU A 119 5.82 15.25 -1.72
CA GLU A 119 4.94 16.30 -1.20
C GLU A 119 5.42 16.87 0.12
N ASP A 120 5.22 18.17 0.33
CA ASP A 120 5.44 18.72 1.66
C ASP A 120 4.21 18.47 2.54
N GLU A 121 4.26 18.86 3.81
CA GLU A 121 3.21 18.45 4.73
C GLU A 121 1.87 19.10 4.39
N LYS A 122 1.88 20.37 4.02
CA LYS A 122 0.65 21.05 3.66
C LYS A 122 -0.05 20.28 2.55
N ASN A 123 0.71 19.93 1.52
CA ASN A 123 0.24 18.99 0.50
C ASN A 123 -0.26 17.61 0.90
N LEU A 124 0.47 17.00 1.83
CA LEU A 124 0.07 15.72 2.38
C LEU A 124 -1.29 15.83 3.07
N ILE A 125 -1.52 16.91 3.80
CA ILE A 125 -2.77 17.05 4.54
C ILE A 125 -3.94 17.30 3.57
N ARG A 126 -3.70 18.13 2.56
CA ARG A 126 -4.69 18.31 1.51
C ARG A 126 -5.05 16.98 0.87
N LEU A 127 -4.04 16.15 0.56
CA LEU A 127 -4.26 14.82 -0.01
C LEU A 127 -5.19 13.99 0.91
N ALA A 128 -4.87 13.99 2.20
CA ALA A 128 -5.59 13.19 3.19
C ALA A 128 -7.05 13.64 3.33
N LYS A 129 -7.27 14.94 3.40
CA LYS A 129 -8.61 15.44 3.62
C LYS A 129 -9.45 15.22 2.38
N ARG A 130 -8.83 15.30 1.22
CA ARG A 130 -9.50 14.95 -0.02
C ARG A 130 -9.90 13.46 -0.04
N MET A 131 -9.00 12.54 0.36
CA MET A 131 -9.38 11.13 0.49
C MET A 131 -10.57 10.96 1.43
N LYS A 132 -10.55 11.66 2.56
CA LYS A 132 -11.59 11.48 3.56
C LYS A 132 -12.91 11.95 2.97
N LYS A 133 -12.86 13.06 2.26
CA LYS A 133 -14.05 13.62 1.60
C LYS A 133 -14.57 12.61 0.57
N ASN A 134 -13.65 11.91 -0.08
CA ASN A 134 -13.96 10.92 -1.12
C ASN A 134 -14.32 9.53 -0.57
N ASN A 135 -14.31 9.37 0.76
CA ASN A 135 -14.64 8.10 1.44
C ASN A 135 -13.67 6.92 1.11
N VAL A 136 -12.45 7.31 0.88
CA VAL A 136 -11.35 6.43 0.60
C VAL A 136 -10.50 6.18 1.83
N ALA A 137 -10.47 4.96 2.34
CA ALA A 137 -9.62 4.61 3.46
C ALA A 137 -8.21 4.36 2.98
N ILE A 138 -7.25 4.53 3.88
CA ILE A 138 -5.86 4.30 3.52
C ILE A 138 -5.09 3.75 4.70
N ASP A 139 -4.26 2.76 4.41
CA ASP A 139 -3.23 2.25 5.30
C ASP A 139 -1.88 2.51 4.68
N ILE A 140 -0.94 2.93 5.51
N ILE A 140 -0.94 2.93 5.50
CA ILE A 140 0.43 3.17 5.09
CA ILE A 140 0.43 3.13 5.03
C ILE A 140 1.33 2.20 5.85
C ILE A 140 1.36 2.26 5.84
N ILE A 141 2.22 1.53 5.13
CA ILE A 141 3.30 0.72 5.73
C ILE A 141 4.56 1.52 5.46
N HIS A 142 5.13 2.09 6.53
CA HIS A 142 6.27 2.99 6.43
C HIS A 142 7.52 2.27 6.94
N ILE A 143 8.53 2.19 6.06
CA ILE A 143 9.79 1.54 6.40
C ILE A 143 10.96 2.44 6.03
N GLY A 144 12.13 2.13 6.56
CA GLY A 144 13.35 2.81 6.18
C GLY A 144 13.77 3.87 7.17
N GLU A 145 13.93 5.07 6.65
CA GLU A 145 14.15 6.23 7.48
C GLU A 145 12.79 6.66 8.04
N LEU A 146 12.69 6.66 9.37
CA LEU A 146 11.44 6.93 10.05
C LEU A 146 11.57 8.14 10.95
N SER A 150 6.93 11.49 11.58
CA SER A 150 5.81 12.35 11.93
C SER A 150 4.78 12.92 10.95
N ALA A 151 5.22 13.21 9.73
CA ALA A 151 4.34 13.76 8.70
C ALA A 151 3.26 12.75 8.33
N LEU A 152 3.63 11.49 8.27
CA LEU A 152 2.66 10.46 7.89
C LEU A 152 1.62 10.22 8.99
N GLN A 153 1.97 10.47 10.24
CA GLN A 153 0.99 10.33 11.32
C GLN A 153 -0.07 11.41 11.17
N HIS A 154 0.34 12.62 10.85
CA HIS A 154 -0.61 13.70 10.63
C HIS A 154 -1.51 13.43 9.41
N PHE A 155 -0.92 12.86 8.37
CA PHE A 155 -1.65 12.47 7.17
C PHE A 155 -2.75 11.45 7.52
N ILE A 156 -2.37 10.38 8.23
CA ILE A 156 -3.35 9.36 8.57
C ILE A 156 -4.44 9.95 9.48
N ASP A 157 -4.07 10.80 10.42
CA ASP A 157 -5.04 11.40 11.31
C ASP A 157 -6.05 12.24 10.52
N ALA A 158 -5.58 12.91 9.46
CA ALA A 158 -6.45 13.76 8.64
C ALA A 158 -7.36 12.96 7.72
N ALA A 159 -6.92 11.78 7.31
CA ALA A 159 -7.70 10.92 6.42
C ALA A 159 -8.72 10.10 7.18
N ASN A 160 -8.46 9.89 8.47
CA ASN A 160 -9.17 8.83 9.20
C ASN A 160 -10.65 9.12 9.39
N SER A 161 -11.45 8.07 9.29
CA SER A 161 -12.87 8.16 9.55
C SER A 161 -13.29 6.82 10.12
N SER A 162 -13.93 6.84 11.29
CA SER A 162 -14.40 5.62 11.92
C SER A 162 -13.28 4.58 12.10
N ASP A 163 -12.07 5.03 12.42
CA ASP A 163 -10.92 4.17 12.69
C ASP A 163 -10.60 3.23 11.52
N SER A 164 -10.71 3.77 10.32
CA SER A 164 -10.56 2.97 9.12
C SER A 164 -9.15 3.00 8.55
N CYS A 165 -8.36 3.97 8.99
CA CYS A 165 -7.04 4.23 8.41
C CYS A 165 -5.95 3.93 9.41
N HIS A 166 -4.79 3.46 8.93
CA HIS A 166 -3.70 3.02 9.80
C HIS A 166 -2.35 3.40 9.27
N LEU A 167 -1.47 3.78 10.18
CA LEU A 167 -0.06 3.93 9.89
C LEU A 167 0.69 2.84 10.64
N VAL A 168 1.37 2.00 9.89
CA VAL A 168 2.15 0.89 10.44
C VAL A 168 3.61 1.24 10.10
N SER A 169 4.42 1.52 11.13
N SER A 169 4.37 1.59 11.14
CA SER A 169 5.78 2.00 10.94
CA SER A 169 5.75 2.01 11.01
C SER A 169 6.70 0.92 11.49
C SER A 169 6.67 0.95 11.58
N ILE A 170 7.60 0.41 10.64
N ILE A 170 7.51 0.37 10.72
CA ILE A 170 8.42 -0.73 11.05
CA ILE A 170 8.38 -0.73 11.12
C ILE A 170 9.86 -0.40 10.77
C ILE A 170 9.84 -0.43 10.79
N PRO A 171 10.66 -0.21 11.83
CA PRO A 171 12.10 -0.04 11.66
C PRO A 171 12.88 -1.18 11.10
N PRO A 172 14.12 -0.94 10.67
CA PRO A 172 14.97 -2.08 10.31
C PRO A 172 15.08 -3.16 11.36
N SER A 173 15.08 -4.43 11.04
CA SER A 173 15.28 -5.44 12.06
C SER A 173 15.66 -6.73 11.41
N PRO A 174 16.13 -7.69 12.23
CA PRO A 174 16.29 -9.07 11.77
C PRO A 174 15.10 -9.92 11.34
N GLN A 175 13.94 -9.45 11.75
CA GLN A 175 12.69 -10.17 11.52
C GLN A 175 12.12 -9.79 10.16
N LEU A 176 11.14 -10.52 9.70
CA LEU A 176 10.59 -10.33 8.37
C LEU A 176 9.47 -9.32 8.36
N LEU A 177 9.52 -8.39 7.41
CA LEU A 177 8.51 -7.36 7.35
C LEU A 177 7.11 -7.93 7.26
N SER A 178 6.94 -8.97 6.46
N SER A 178 6.93 -8.99 6.48
CA SER A 178 5.61 -9.54 6.28
CA SER A 178 5.58 -9.54 6.28
C SER A 178 5.06 -10.05 7.60
C SER A 178 5.02 -10.16 7.56
N ASP A 179 5.89 -10.69 8.40
CA ASP A 179 5.46 -11.19 9.70
C ASP A 179 5.09 -10.02 10.61
N LEU A 180 5.93 -9.00 10.64
CA LEU A 180 5.66 -7.83 11.49
C LEU A 180 4.38 -7.11 11.09
N VAL A 181 4.16 -6.92 9.79
CA VAL A 181 2.91 -6.30 9.35
C VAL A 181 1.71 -7.23 9.60
N ASN A 182 1.92 -8.52 9.47
CA ASN A 182 0.85 -9.46 9.76
C ASN A 182 0.43 -9.35 11.24
N GLN A 183 1.36 -8.92 12.10
CA GLN A 183 1.13 -8.76 13.54
C GLN A 183 0.59 -7.38 13.90
N SER A 184 0.37 -6.56 12.89
CA SER A 184 -0.14 -5.20 13.07
C SER A 184 -1.65 -5.17 12.91
N PRO A 185 -2.25 -3.98 13.12
CA PRO A 185 -3.69 -3.86 12.88
C PRO A 185 -4.25 -4.25 11.53
N ILE A 186 -3.38 -4.16 10.52
CA ILE A 186 -3.80 -4.47 9.17
C ILE A 186 -3.45 -5.89 8.75
N GLY A 187 -2.95 -6.70 9.68
CA GLY A 187 -2.62 -8.07 9.38
C GLY A 187 -3.84 -8.98 9.27
N GLN A 188 -3.58 -10.26 9.04
N GLN A 188 -3.56 -10.26 9.05
CA GLN A 188 -4.65 -11.19 8.77
CA GLN A 188 -4.61 -11.24 8.77
C GLN A 188 -5.48 -11.55 10.00
C GLN A 188 -5.42 -11.68 9.97
N GLY A 189 -4.83 -11.61 11.16
CA GLY A 189 -5.50 -12.09 12.36
C GLY A 189 -5.61 -13.61 12.28
N VAL A 190 -6.62 -14.17 12.92
CA VAL A 190 -6.82 -15.63 12.85
C VAL A 190 -8.18 -15.96 12.25
N VAL A 191 -8.48 -17.25 12.11
CA VAL A 191 -9.84 -17.66 11.75
C VAL A 191 -10.46 -18.41 12.91
N ALA A 192 -11.77 -18.54 12.91
CA ALA A 192 -12.82 -19.15 13.71
C ALA A 192 -14.03 -18.24 13.86
#